data_1GEI
#
_entry.id   1GEI
#
_cell.length_a   54.750
_cell.length_b   81.640
_cell.length_c   86.230
_cell.angle_alpha   90.00
_cell.angle_beta   90.00
_cell.angle_gamma   90.00
#
_symmetry.space_group_name_H-M   'P 21 21 21'
#
loop_
_entity.id
_entity.type
_entity.pdbx_description
1 polymer 'CYTOCHROME P450 55A1'
2 non-polymer 'PROTOPORPHYRIN IX CONTAINING FE'
3 non-polymer 'N-BUTYL ISOCYANIDE'
4 water water
#
_entity_poly.entity_id   1
_entity_poly.type   'polypeptide(L)'
_entity_poly.pdbx_seq_one_letter_code
;MASGAPSFPFSRASGPEPPAEFAKLRATNPVSQVKLFDGSLAWLVTKHKDVCFVATSEKLSKVRTRQGFPELSASGKQAA
KAKPTFVDMDPPEHMHQRSMVEPTFTPEAVKNLQPYIQRTVDDLLEQMKQKGCANGPVDLVKEFALPVPSYIIYTLLGVP
FNDLEYLTQQNAIRTNGSSTAREASAANQELLDYLAILVEQRLVEPKDDIISKLCTEQVKPGNIDKSDAVQIAFLLLVAG
NATMVNMIALGVATLAQHPDQLAQLKANPSLAPQFVEELCRYHTASALAIKRTAKEDVMIGDKLVRANEGIIASNQSANR
DEEVFENPDEFNMNRKWPPQDPLGFGFGDHRCIAEHLAKAELTTVFSTLYQKFPDLKVAVPLGKINYTPLNRDVGIVDLP
VIF
;
_entity_poly.pdbx_strand_id   A
#
loop_
_chem_comp.id
_chem_comp.type
_chem_comp.name
_chem_comp.formula
HEM non-polymer 'PROTOPORPHYRIN IX CONTAINING FE' 'C34 H32 Fe N4 O4'
NBN non-polymer 'N-BUTYL ISOCYANIDE' 'C5 H9 N'
#
# COMPACT_ATOMS: atom_id res chain seq x y z
N ALA A 5 -16.30 -24.30 4.17
CA ALA A 5 -15.23 -23.26 4.07
C ALA A 5 -15.73 -22.14 3.19
N PRO A 6 -15.86 -20.92 3.75
CA PRO A 6 -16.35 -19.80 2.94
C PRO A 6 -15.35 -19.36 1.89
N SER A 7 -15.86 -18.80 0.80
CA SER A 7 -15.01 -18.31 -0.27
C SER A 7 -14.24 -17.08 0.19
N PHE A 8 -12.97 -16.99 -0.21
CA PHE A 8 -12.14 -15.86 0.17
C PHE A 8 -11.36 -15.35 -1.04
N PRO A 9 -11.11 -14.03 -1.12
CA PRO A 9 -11.41 -12.92 -0.20
C PRO A 9 -12.89 -12.64 0.06
N PHE A 10 -13.17 -12.10 1.24
CA PHE A 10 -14.52 -11.72 1.63
C PHE A 10 -14.76 -10.34 1.04
N SER A 11 -16.02 -9.92 1.03
CA SER A 11 -16.37 -8.60 0.51
C SER A 11 -16.59 -7.63 1.66
N ARG A 12 -16.15 -6.39 1.48
CA ARG A 12 -16.33 -5.37 2.50
C ARG A 12 -17.83 -5.20 2.83
N ALA A 13 -18.14 -5.02 4.11
CA ALA A 13 -19.54 -4.87 4.53
C ALA A 13 -20.20 -3.69 3.85
N SER A 14 -19.40 -2.71 3.46
CA SER A 14 -19.89 -1.52 2.77
C SER A 14 -18.67 -0.73 2.31
N GLY A 15 -18.91 0.29 1.49
CA GLY A 15 -17.83 1.10 0.96
C GLY A 15 -16.62 1.30 1.87
N PRO A 16 -16.78 1.98 3.01
CA PRO A 16 -15.67 2.23 3.92
C PRO A 16 -15.39 1.19 5.02
N GLU A 17 -16.16 0.10 5.05
CA GLU A 17 -15.99 -0.90 6.10
C GLU A 17 -15.29 -2.20 5.70
N PRO A 18 -14.67 -2.88 6.68
CA PRO A 18 -13.99 -4.14 6.37
C PRO A 18 -15.02 -5.25 6.25
N PRO A 19 -14.61 -6.44 5.77
CA PRO A 19 -15.57 -7.55 5.66
C PRO A 19 -16.16 -7.87 7.03
N ALA A 20 -17.46 -8.10 7.08
CA ALA A 20 -18.15 -8.41 8.33
C ALA A 20 -17.70 -9.72 8.96
N GLU A 21 -17.15 -10.62 8.14
CA GLU A 21 -16.70 -11.92 8.62
C GLU A 21 -15.62 -11.91 9.70
N PHE A 22 -14.66 -10.99 9.59
CA PHE A 22 -13.54 -10.90 10.52
C PHE A 22 -13.89 -10.77 11.99
N ALA A 23 -14.83 -9.90 12.32
CA ALA A 23 -15.21 -9.72 13.71
C ALA A 23 -15.77 -11.02 14.28
N LYS A 24 -16.57 -11.71 13.48
CA LYS A 24 -17.19 -12.97 13.88
C LYS A 24 -16.13 -14.06 14.06
N LEU A 25 -15.17 -14.10 13.16
CA LEU A 25 -14.11 -15.09 13.24
C LEU A 25 -13.20 -14.83 14.44
N ARG A 26 -12.88 -13.56 14.70
CA ARG A 26 -12.02 -13.25 15.83
C ARG A 26 -12.65 -13.73 17.12
N ALA A 27 -13.97 -13.72 17.17
CA ALA A 27 -14.69 -14.10 18.38
C ALA A 27 -14.97 -15.59 18.54
N THR A 28 -15.29 -16.25 17.43
CA THR A 28 -15.64 -17.67 17.46
C THR A 28 -14.70 -18.65 16.75
N ASN A 29 -13.90 -18.17 15.82
CA ASN A 29 -13.00 -19.04 15.06
C ASN A 29 -11.85 -18.23 14.47
N PRO A 30 -10.92 -17.77 15.32
CA PRO A 30 -9.77 -16.96 14.89
C PRO A 30 -8.82 -17.57 13.87
N VAL A 31 -8.73 -18.90 13.83
CA VAL A 31 -7.89 -19.57 12.84
C VAL A 31 -8.81 -20.58 12.15
N SER A 32 -9.16 -20.28 10.90
CA SER A 32 -10.07 -21.12 10.15
C SER A 32 -9.68 -21.28 8.70
N GLN A 33 -10.28 -22.25 8.04
CA GLN A 33 -10.00 -22.51 6.65
C GLN A 33 -11.01 -21.80 5.76
N VAL A 34 -10.52 -21.26 4.65
CA VAL A 34 -11.37 -20.59 3.68
C VAL A 34 -11.08 -21.24 2.33
N LYS A 35 -11.99 -21.08 1.38
CA LYS A 35 -11.80 -21.63 0.04
C LYS A 35 -11.40 -20.55 -0.97
N LEU A 36 -10.33 -20.82 -1.73
CA LEU A 36 -9.83 -19.89 -2.73
C LEU A 36 -10.49 -20.13 -4.10
N PHE A 37 -10.34 -19.17 -5.01
CA PHE A 37 -10.96 -19.25 -6.33
C PHE A 37 -10.77 -20.57 -7.08
N ASP A 38 -9.62 -21.21 -6.89
CA ASP A 38 -9.33 -22.47 -7.57
C ASP A 38 -9.80 -23.70 -6.76
N GLY A 39 -10.54 -23.46 -5.70
CA GLY A 39 -11.04 -24.55 -4.88
C GLY A 39 -10.10 -25.01 -3.78
N SER A 40 -8.85 -24.53 -3.82
CA SER A 40 -7.89 -24.93 -2.81
C SER A 40 -8.28 -24.28 -1.49
N LEU A 41 -7.74 -24.80 -0.40
CA LEU A 41 -8.02 -24.28 0.92
C LEU A 41 -6.83 -23.51 1.45
N ALA A 42 -7.06 -22.70 2.46
CA ALA A 42 -6.00 -21.93 3.09
C ALA A 42 -6.48 -21.56 4.47
N TRP A 43 -5.52 -21.31 5.36
CA TRP A 43 -5.84 -20.93 6.72
C TRP A 43 -5.88 -19.42 6.82
N LEU A 44 -6.98 -18.91 7.37
CA LEU A 44 -7.14 -17.48 7.55
C LEU A 44 -6.93 -17.14 9.02
N VAL A 45 -5.99 -16.24 9.28
CA VAL A 45 -5.65 -15.83 10.64
C VAL A 45 -6.20 -14.42 10.84
N THR A 46 -6.96 -14.22 11.92
CA THR A 46 -7.62 -12.94 12.17
C THR A 46 -7.23 -12.15 13.41
N LYS A 47 -6.56 -12.79 14.36
CA LYS A 47 -6.18 -12.09 15.58
C LYS A 47 -4.79 -11.46 15.47
N HIS A 48 -4.64 -10.27 16.05
CA HIS A 48 -3.38 -9.54 16.00
C HIS A 48 -2.14 -10.39 16.40
N LYS A 49 -2.22 -11.10 17.52
CA LYS A 49 -1.08 -11.91 17.97
C LYS A 49 -0.73 -13.00 16.95
N ASP A 50 -1.74 -13.61 16.34
CA ASP A 50 -1.52 -14.67 15.36
C ASP A 50 -0.98 -14.12 14.04
N VAL A 51 -1.45 -12.93 13.64
CA VAL A 51 -0.98 -12.31 12.41
C VAL A 51 0.51 -12.02 12.58
N CYS A 52 0.90 -11.55 13.76
CA CYS A 52 2.31 -11.25 14.02
C CYS A 52 3.12 -12.53 13.98
N PHE A 53 2.54 -13.62 14.47
CA PHE A 53 3.22 -14.90 14.46
C PHE A 53 3.49 -15.33 13.02
N VAL A 54 2.47 -15.26 12.17
CA VAL A 54 2.62 -15.66 10.78
C VAL A 54 3.66 -14.79 10.07
N ALA A 55 3.64 -13.50 10.35
CA ALA A 55 4.57 -12.57 9.71
C ALA A 55 6.04 -12.80 10.03
N THR A 56 6.32 -13.42 11.17
CA THR A 56 7.71 -13.62 11.57
C THR A 56 8.21 -15.08 11.67
N SER A 57 7.30 -16.05 11.60
CA SER A 57 7.73 -17.45 11.71
C SER A 57 8.68 -17.93 10.62
N GLU A 58 9.81 -18.49 11.06
CA GLU A 58 10.83 -18.99 10.14
C GLU A 58 10.39 -20.30 9.49
N LYS A 59 9.30 -20.89 9.96
CA LYS A 59 8.80 -22.13 9.40
C LYS A 59 7.83 -21.86 8.26
N LEU A 60 7.63 -20.60 7.93
CA LEU A 60 6.73 -20.22 6.86
C LEU A 60 7.52 -19.57 5.73
N SER A 61 7.05 -19.74 4.49
CA SER A 61 7.73 -19.21 3.32
C SER A 61 6.90 -18.28 2.43
N LYS A 62 7.56 -17.31 1.79
CA LYS A 62 6.90 -16.37 0.90
C LYS A 62 7.03 -16.78 -0.57
N VAL A 63 7.84 -17.80 -0.83
CA VAL A 63 8.07 -18.26 -2.20
C VAL A 63 6.79 -18.76 -2.85
N ARG A 64 6.43 -18.15 -3.97
CA ARG A 64 5.20 -18.50 -4.65
C ARG A 64 5.24 -19.76 -5.53
N THR A 65 6.41 -20.38 -5.62
CA THR A 65 6.54 -21.59 -6.41
C THR A 65 6.30 -22.81 -5.52
N ARG A 66 6.00 -22.57 -4.24
CA ARG A 66 5.73 -23.65 -3.32
C ARG A 66 4.27 -24.05 -3.48
N GLN A 67 4.02 -25.34 -3.64
CA GLN A 67 2.63 -25.80 -3.78
C GLN A 67 1.96 -25.48 -2.45
N GLY A 68 0.77 -24.92 -2.51
CA GLY A 68 0.07 -24.56 -1.29
C GLY A 68 0.01 -23.06 -1.10
N PHE A 69 0.83 -22.31 -1.84
CA PHE A 69 0.80 -20.86 -1.67
C PHE A 69 -0.59 -20.35 -2.03
N PRO A 70 -1.18 -19.51 -1.16
CA PRO A 70 -2.52 -18.95 -1.38
C PRO A 70 -2.72 -17.84 -2.39
N GLU A 71 -2.69 -18.18 -3.69
CA GLU A 71 -2.92 -17.20 -4.75
C GLU A 71 -4.43 -16.98 -4.71
N LEU A 72 -4.85 -15.71 -4.72
CA LEU A 72 -6.27 -15.39 -4.62
C LEU A 72 -7.02 -15.11 -5.92
N SER A 73 -6.31 -15.11 -7.04
CA SER A 73 -6.97 -14.85 -8.31
C SER A 73 -6.28 -15.56 -9.45
N ALA A 74 -6.97 -15.65 -10.58
CA ALA A 74 -6.41 -16.30 -11.75
C ALA A 74 -5.14 -15.58 -12.20
N SER A 75 -5.17 -14.25 -12.20
CA SER A 75 -4.01 -13.46 -12.62
C SER A 75 -2.85 -13.66 -11.64
N GLY A 76 -3.19 -13.78 -10.36
CA GLY A 76 -2.17 -13.99 -9.35
C GLY A 76 -1.36 -15.24 -9.64
N LYS A 77 -2.04 -16.32 -10.01
CA LYS A 77 -1.35 -17.57 -10.30
C LYS A 77 -0.42 -17.43 -11.51
N GLN A 78 -0.78 -16.57 -12.45
CA GLN A 78 0.05 -16.36 -13.64
C GLN A 78 1.33 -15.58 -13.34
N ALA A 79 1.19 -14.49 -12.59
CA ALA A 79 2.32 -13.65 -12.23
C ALA A 79 3.36 -14.44 -11.41
N ALA A 80 2.88 -15.41 -10.65
CA ALA A 80 3.76 -16.23 -9.81
C ALA A 80 4.83 -16.96 -10.63
N LYS A 81 4.70 -16.91 -11.95
CA LYS A 81 5.65 -17.61 -12.81
C LYS A 81 6.91 -16.81 -13.13
N ALA A 82 6.80 -15.49 -13.13
CA ALA A 82 7.93 -14.61 -13.43
C ALA A 82 9.08 -14.77 -12.42
N LYS A 83 10.27 -14.36 -12.81
CA LYS A 83 11.42 -14.45 -11.90
C LYS A 83 11.05 -13.58 -10.69
N PRO A 84 11.35 -14.04 -9.46
CA PRO A 84 10.99 -13.24 -8.29
C PRO A 84 11.94 -12.14 -7.82
N THR A 85 11.35 -11.11 -7.22
CA THR A 85 12.12 -10.01 -6.64
C THR A 85 11.96 -10.22 -5.13
N PHE A 86 12.62 -9.40 -4.32
CA PHE A 86 12.59 -9.60 -2.88
C PHE A 86 11.24 -9.70 -2.19
N VAL A 87 10.18 -9.20 -2.81
CA VAL A 87 8.86 -9.28 -2.17
C VAL A 87 8.43 -10.74 -2.01
N ASP A 88 8.89 -11.60 -2.92
CA ASP A 88 8.53 -13.01 -2.86
C ASP A 88 9.68 -13.92 -2.44
N MET A 89 10.68 -13.36 -1.78
CA MET A 89 11.82 -14.16 -1.34
C MET A 89 11.86 -14.44 0.15
N ASP A 90 12.62 -15.47 0.53
CA ASP A 90 12.81 -15.86 1.92
C ASP A 90 14.28 -15.57 2.19
N PRO A 91 14.70 -15.63 3.46
CA PRO A 91 16.11 -15.38 3.77
C PRO A 91 16.92 -16.56 3.20
N PRO A 92 18.18 -16.32 2.81
CA PRO A 92 18.91 -15.06 2.87
C PRO A 92 18.73 -14.17 1.63
N GLU A 93 18.13 -14.73 0.58
CA GLU A 93 17.92 -13.98 -0.67
C GLU A 93 17.15 -12.67 -0.43
N HIS A 94 16.14 -12.74 0.42
CA HIS A 94 15.32 -11.57 0.70
C HIS A 94 16.12 -10.32 1.02
N MET A 95 16.82 -10.32 2.15
CA MET A 95 17.59 -9.14 2.53
C MET A 95 18.75 -8.86 1.59
N HIS A 96 19.27 -9.90 0.94
CA HIS A 96 20.38 -9.69 0.02
C HIS A 96 19.95 -8.73 -1.08
N GLN A 97 18.73 -8.89 -1.58
CA GLN A 97 18.25 -7.99 -2.62
C GLN A 97 17.61 -6.73 -2.03
N ARG A 98 16.78 -6.88 -1.00
CA ARG A 98 16.13 -5.72 -0.39
C ARG A 98 17.11 -4.64 0.12
N SER A 99 18.20 -5.07 0.73
CA SER A 99 19.19 -4.13 1.23
C SER A 99 19.83 -3.32 0.11
N MET A 100 19.64 -3.76 -1.14
CA MET A 100 20.20 -3.03 -2.29
C MET A 100 19.52 -1.68 -2.50
N VAL A 101 18.24 -1.58 -2.11
CA VAL A 101 17.48 -0.35 -2.29
C VAL A 101 16.93 0.27 -1.00
N GLU A 102 17.23 -0.34 0.14
CA GLU A 102 16.74 0.16 1.42
C GLU A 102 17.26 1.55 1.84
N PRO A 103 18.52 1.87 1.54
CA PRO A 103 19.10 3.18 1.91
C PRO A 103 18.20 4.40 1.74
N THR A 104 17.52 4.48 0.61
CA THR A 104 16.66 5.61 0.30
C THR A 104 15.44 5.71 1.21
N PHE A 105 15.06 4.58 1.80
CA PHE A 105 13.87 4.51 2.64
C PHE A 105 14.06 4.51 4.17
N THR A 106 15.29 4.63 4.64
CA THR A 106 15.52 4.64 6.08
C THR A 106 14.85 5.84 6.74
N PRO A 107 14.55 5.74 8.04
CA PRO A 107 13.91 6.87 8.71
C PRO A 107 14.71 8.16 8.55
N GLU A 108 16.04 8.03 8.57
CA GLU A 108 16.94 9.18 8.44
C GLU A 108 16.84 9.80 7.04
N ALA A 109 16.85 8.94 6.03
CA ALA A 109 16.76 9.42 4.65
C ALA A 109 15.41 10.09 4.40
N VAL A 110 14.34 9.52 4.95
CA VAL A 110 13.01 10.10 4.78
C VAL A 110 12.90 11.45 5.48
N LYS A 111 13.58 11.60 6.62
CA LYS A 111 13.57 12.87 7.36
C LYS A 111 14.24 13.94 6.51
N ASN A 112 15.31 13.57 5.84
CA ASN A 112 16.04 14.51 4.97
C ASN A 112 15.25 14.79 3.70
N LEU A 113 14.30 13.91 3.37
CA LEU A 113 13.46 14.06 2.19
C LEU A 113 12.24 14.95 2.45
N GLN A 114 11.97 15.25 3.72
CA GLN A 114 10.80 16.05 4.11
C GLN A 114 10.60 17.36 3.32
N PRO A 115 11.64 18.20 3.20
CA PRO A 115 11.41 19.43 2.45
C PRO A 115 10.97 19.17 1.00
N TYR A 116 11.51 18.12 0.38
CA TYR A 116 11.13 17.79 -1.00
C TYR A 116 9.68 17.30 -1.03
N ILE A 117 9.30 16.50 -0.03
CA ILE A 117 7.94 16.00 0.02
C ILE A 117 6.98 17.17 0.20
N GLN A 118 7.37 18.14 1.02
CA GLN A 118 6.54 19.31 1.25
C GLN A 118 6.38 20.15 -0.02
N ARG A 119 7.47 20.45 -0.72
CA ARG A 119 7.34 21.27 -1.94
C ARG A 119 6.50 20.56 -3.00
N THR A 120 6.64 19.23 -3.08
CA THR A 120 5.87 18.46 -4.05
C THR A 120 4.39 18.61 -3.74
N VAL A 121 4.05 18.45 -2.47
CA VAL A 121 2.66 18.59 -2.02
C VAL A 121 2.18 20.04 -2.23
N ASP A 122 2.99 21.01 -1.84
CA ASP A 122 2.63 22.42 -2.00
C ASP A 122 2.32 22.78 -3.45
N ASP A 123 3.19 22.35 -4.37
CA ASP A 123 3.02 22.64 -5.80
C ASP A 123 1.76 22.00 -6.36
N LEU A 124 1.51 20.75 -5.99
CA LEU A 124 0.34 20.05 -6.46
C LEU A 124 -0.92 20.72 -5.94
N LEU A 125 -0.87 21.23 -4.70
CA LEU A 125 -2.02 21.91 -4.11
C LEU A 125 -2.26 23.23 -4.83
N GLU A 126 -1.19 23.94 -5.14
CA GLU A 126 -1.28 25.21 -5.85
C GLU A 126 -1.87 24.97 -7.23
N GLN A 127 -1.45 23.90 -7.89
CA GLN A 127 -1.97 23.57 -9.20
C GLN A 127 -3.44 23.20 -9.10
N MET A 128 -3.83 22.55 -8.01
CA MET A 128 -5.23 22.17 -7.84
C MET A 128 -6.07 23.40 -7.49
N LYS A 129 -5.44 24.38 -6.86
CA LYS A 129 -6.13 25.61 -6.48
C LYS A 129 -6.34 26.50 -7.70
N GLN A 130 -5.25 26.79 -8.42
CA GLN A 130 -5.34 27.61 -9.61
C GLN A 130 -6.14 26.87 -10.68
N LYS A 131 -6.33 25.57 -10.48
CA LYS A 131 -7.12 24.75 -11.40
C LYS A 131 -8.56 25.06 -11.04
N GLY A 132 -8.68 25.81 -9.95
CA GLY A 132 -9.97 26.24 -9.43
C GLY A 132 -11.07 25.21 -9.46
N CYS A 133 -12.26 25.69 -9.14
CA CYS A 133 -13.47 24.87 -9.12
C CYS A 133 -14.62 25.81 -9.43
N ALA A 134 -14.26 26.96 -10.02
CA ALA A 134 -15.23 27.99 -10.39
C ALA A 134 -16.33 27.44 -11.28
N ASN A 135 -15.97 26.50 -12.15
CA ASN A 135 -16.94 25.89 -13.05
C ASN A 135 -17.33 24.49 -12.56
N GLY A 136 -17.20 24.28 -11.25
CA GLY A 136 -17.55 22.99 -10.67
C GLY A 136 -16.50 22.37 -9.77
N PRO A 137 -16.84 21.26 -9.10
CA PRO A 137 -15.89 20.60 -8.20
C PRO A 137 -14.78 19.91 -9.01
N VAL A 138 -13.69 19.57 -8.33
CA VAL A 138 -12.58 18.89 -8.99
C VAL A 138 -12.44 17.50 -8.38
N ASP A 139 -11.79 16.59 -9.10
CA ASP A 139 -11.59 15.24 -8.58
C ASP A 139 -10.30 15.23 -7.79
N LEU A 140 -10.41 15.25 -6.46
CA LEU A 140 -9.26 15.26 -5.58
C LEU A 140 -8.28 14.10 -5.86
N VAL A 141 -8.79 12.97 -6.32
CA VAL A 141 -7.90 11.84 -6.60
C VAL A 141 -7.01 12.18 -7.80
N LYS A 142 -7.63 12.49 -8.95
CA LYS A 142 -6.88 12.83 -10.16
C LYS A 142 -5.96 14.03 -9.98
N GLU A 143 -6.47 15.08 -9.35
CA GLU A 143 -5.69 16.29 -9.17
C GLU A 143 -4.71 16.31 -8.00
N PHE A 144 -4.83 15.38 -7.07
CA PHE A 144 -3.96 15.42 -5.90
C PHE A 144 -3.49 14.07 -5.36
N ALA A 145 -4.43 13.23 -4.94
CA ALA A 145 -4.10 11.92 -4.36
C ALA A 145 -3.27 11.02 -5.27
N LEU A 146 -3.52 11.06 -6.58
CA LEU A 146 -2.78 10.23 -7.52
C LEU A 146 -1.36 10.78 -7.77
N PRO A 147 -1.25 12.06 -8.17
CA PRO A 147 0.09 12.61 -8.44
C PRO A 147 1.08 12.73 -7.27
N VAL A 148 0.60 12.91 -6.04
CA VAL A 148 1.52 13.07 -4.93
C VAL A 148 2.47 11.87 -4.79
N PRO A 149 1.93 10.65 -4.56
CA PRO A 149 2.83 9.49 -4.44
C PRO A 149 3.56 9.17 -5.73
N SER A 150 2.87 9.34 -6.85
CA SER A 150 3.45 9.04 -8.17
C SER A 150 4.67 9.89 -8.49
N TYR A 151 4.54 11.21 -8.37
CA TYR A 151 5.65 12.11 -8.65
C TYR A 151 6.83 11.82 -7.73
N ILE A 152 6.53 11.50 -6.48
CA ILE A 152 7.58 11.23 -5.50
C ILE A 152 8.38 9.96 -5.80
N ILE A 153 7.72 8.83 -5.97
CA ILE A 153 8.46 7.59 -6.25
C ILE A 153 9.16 7.65 -7.61
N TYR A 154 8.48 8.18 -8.62
CA TYR A 154 9.09 8.26 -9.94
C TYR A 154 10.36 9.11 -9.84
N THR A 155 10.25 10.24 -9.14
CA THR A 155 11.39 11.13 -8.98
C THR A 155 12.52 10.42 -8.24
N LEU A 156 12.18 9.68 -7.20
CA LEU A 156 13.17 8.93 -6.43
C LEU A 156 13.83 7.86 -7.30
N LEU A 157 13.07 7.24 -8.18
CA LEU A 157 13.63 6.20 -9.05
C LEU A 157 14.59 6.83 -10.06
N GLY A 158 14.28 8.04 -10.51
CA GLY A 158 15.16 8.74 -11.44
C GLY A 158 14.49 9.37 -12.65
N VAL A 159 13.17 9.25 -12.73
CA VAL A 159 12.42 9.80 -13.85
C VAL A 159 12.53 11.32 -13.91
N PRO A 160 12.81 11.88 -15.10
CA PRO A 160 12.94 13.33 -15.26
C PRO A 160 11.58 14.02 -15.08
N PHE A 161 11.62 15.25 -14.60
CA PHE A 161 10.42 16.03 -14.33
C PHE A 161 9.37 16.10 -15.44
N ASN A 162 9.82 16.28 -16.68
CA ASN A 162 8.89 16.40 -17.79
C ASN A 162 8.09 15.15 -18.12
N ASP A 163 8.57 14.00 -17.68
CA ASP A 163 7.87 12.74 -17.97
C ASP A 163 6.93 12.28 -16.86
N LEU A 164 6.93 12.99 -15.74
CA LEU A 164 6.09 12.64 -14.60
C LEU A 164 4.59 12.55 -14.87
N GLU A 165 4.02 13.57 -15.50
CA GLU A 165 2.58 13.57 -15.76
C GLU A 165 2.11 12.40 -16.62
N TYR A 166 2.85 12.12 -17.69
CA TYR A 166 2.47 11.02 -18.58
C TYR A 166 2.64 9.66 -17.91
N LEU A 167 3.76 9.48 -17.21
CA LEU A 167 4.03 8.21 -16.53
C LEU A 167 3.06 7.95 -15.38
N THR A 168 2.64 9.00 -14.69
CA THR A 168 1.69 8.88 -13.58
C THR A 168 0.38 8.35 -14.14
N GLN A 169 0.00 8.85 -15.31
CA GLN A 169 -1.23 8.44 -15.98
C GLN A 169 -1.17 6.97 -16.41
N GLN A 170 -0.05 6.56 -17.01
CA GLN A 170 0.12 5.17 -17.46
C GLN A 170 0.09 4.17 -16.31
N ASN A 171 0.79 4.48 -15.23
CA ASN A 171 0.82 3.58 -14.06
C ASN A 171 -0.58 3.44 -13.47
N ALA A 172 -1.37 4.51 -13.52
CA ALA A 172 -2.74 4.49 -13.02
C ALA A 172 -3.61 3.55 -13.86
N ILE A 173 -3.34 3.50 -15.17
CA ILE A 173 -4.11 2.64 -16.07
C ILE A 173 -3.92 1.18 -15.68
N ARG A 174 -2.75 0.85 -15.12
CA ARG A 174 -2.45 -0.51 -14.71
C ARG A 174 -3.52 -1.03 -13.76
N THR A 175 -3.88 -0.20 -12.78
CA THR A 175 -4.83 -0.59 -11.77
C THR A 175 -6.23 0.01 -11.82
N ASN A 176 -6.50 0.86 -12.83
CA ASN A 176 -7.82 1.46 -12.95
C ASN A 176 -8.84 0.36 -13.26
N GLY A 177 -9.92 0.31 -12.48
CA GLY A 177 -10.94 -0.70 -12.71
C GLY A 177 -11.53 -0.64 -14.11
N SER A 178 -11.54 0.55 -14.70
CA SER A 178 -12.09 0.76 -16.04
C SER A 178 -11.21 0.23 -17.18
N SER A 179 -9.91 0.12 -16.94
CA SER A 179 -9.01 -0.38 -17.97
C SER A 179 -9.32 -1.81 -18.34
N THR A 180 -9.13 -2.15 -19.62
CA THR A 180 -9.34 -3.52 -20.07
C THR A 180 -8.03 -4.24 -19.78
N ALA A 181 -8.05 -5.57 -19.82
CA ALA A 181 -6.85 -6.34 -19.57
C ALA A 181 -5.77 -5.91 -20.56
N ARG A 182 -6.18 -5.62 -21.78
CA ARG A 182 -5.25 -5.19 -22.82
C ARG A 182 -4.57 -3.88 -22.43
N GLU A 183 -5.37 -2.87 -22.13
CA GLU A 183 -4.83 -1.57 -21.76
C GLU A 183 -3.94 -1.69 -20.53
N ALA A 184 -4.34 -2.51 -19.56
CA ALA A 184 -3.56 -2.67 -18.36
C ALA A 184 -2.19 -3.29 -18.65
N SER A 185 -2.16 -4.35 -19.46
CA SER A 185 -0.88 -4.97 -19.78
C SER A 185 -0.03 -4.07 -20.67
N ALA A 186 -0.68 -3.34 -21.57
CA ALA A 186 0.05 -2.44 -22.47
C ALA A 186 0.80 -1.37 -21.66
N ALA A 187 0.12 -0.79 -20.68
CA ALA A 187 0.70 0.22 -19.81
C ALA A 187 1.83 -0.41 -19.02
N ASN A 188 1.60 -1.65 -18.58
CA ASN A 188 2.58 -2.38 -17.83
C ASN A 188 3.90 -2.55 -18.59
N GLN A 189 3.79 -3.08 -19.81
CA GLN A 189 4.95 -3.30 -20.67
C GLN A 189 5.64 -1.98 -21.01
N GLU A 190 4.84 -0.94 -21.20
CA GLU A 190 5.38 0.38 -21.53
C GLU A 190 6.27 0.92 -20.41
N LEU A 191 5.80 0.82 -19.17
CA LEU A 191 6.57 1.30 -18.03
C LEU A 191 7.85 0.46 -17.93
N LEU A 192 7.74 -0.83 -18.18
CA LEU A 192 8.92 -1.69 -18.10
C LEU A 192 9.93 -1.29 -19.18
N ASP A 193 9.42 -1.01 -20.38
CA ASP A 193 10.25 -0.59 -21.49
C ASP A 193 10.98 0.70 -21.13
N TYR A 194 10.24 1.63 -20.54
CA TYR A 194 10.78 2.92 -20.16
C TYR A 194 11.88 2.80 -19.10
N LEU A 195 11.69 1.91 -18.14
CA LEU A 195 12.67 1.72 -17.09
C LEU A 195 13.94 1.09 -17.67
N ALA A 196 13.76 0.27 -18.70
CA ALA A 196 14.88 -0.41 -19.35
C ALA A 196 15.81 0.63 -19.95
N ILE A 197 15.21 1.63 -20.59
CA ILE A 197 15.97 2.70 -21.20
C ILE A 197 16.67 3.54 -20.13
N LEU A 198 15.97 3.76 -19.02
CA LEU A 198 16.55 4.52 -17.90
C LEU A 198 17.78 3.82 -17.36
N VAL A 199 17.71 2.49 -17.26
CA VAL A 199 18.85 1.71 -16.76
C VAL A 199 20.04 1.80 -17.73
N GLU A 200 19.77 1.64 -19.03
CA GLU A 200 20.85 1.74 -20.02
C GLU A 200 21.52 3.12 -19.90
N GLN A 201 20.70 4.15 -19.78
CA GLN A 201 21.18 5.53 -19.65
C GLN A 201 22.03 5.72 -18.42
N ARG A 202 21.48 5.33 -17.28
CA ARG A 202 22.17 5.48 -16.00
C ARG A 202 23.42 4.63 -15.87
N LEU A 203 23.52 3.56 -16.65
CA LEU A 203 24.70 2.72 -16.59
C LEU A 203 25.88 3.49 -17.21
N VAL A 204 25.54 4.37 -18.15
CA VAL A 204 26.53 5.19 -18.84
C VAL A 204 26.82 6.47 -18.06
N GLU A 205 25.77 7.17 -17.66
CA GLU A 205 25.91 8.42 -16.91
C GLU A 205 25.01 8.42 -15.67
N PRO A 206 25.50 7.82 -14.57
CA PRO A 206 24.72 7.76 -13.33
C PRO A 206 24.40 9.12 -12.71
N LYS A 207 23.22 9.22 -12.11
CA LYS A 207 22.76 10.44 -11.46
C LYS A 207 22.45 10.08 -10.01
N ASP A 208 21.80 10.98 -9.29
CA ASP A 208 21.44 10.73 -7.90
C ASP A 208 20.02 10.19 -7.78
N ASP A 209 19.85 8.90 -8.06
CA ASP A 209 18.54 8.27 -7.97
C ASP A 209 18.69 6.77 -7.71
N ILE A 210 17.58 6.12 -7.41
CA ILE A 210 17.61 4.69 -7.11
C ILE A 210 18.15 3.85 -8.26
N ILE A 211 17.68 4.11 -9.48
CA ILE A 211 18.15 3.36 -10.63
C ILE A 211 19.68 3.45 -10.80
N SER A 212 20.22 4.64 -10.62
CA SER A 212 21.67 4.85 -10.74
C SER A 212 22.43 4.04 -9.68
N LYS A 213 21.93 4.07 -8.44
CA LYS A 213 22.57 3.31 -7.37
C LYS A 213 22.59 1.82 -7.71
N LEU A 214 21.48 1.31 -8.26
CA LEU A 214 21.41 -0.11 -8.63
C LEU A 214 22.43 -0.44 -9.72
N CYS A 215 22.52 0.43 -10.72
CA CYS A 215 23.44 0.24 -11.85
C CYS A 215 24.90 0.24 -11.40
N THR A 216 25.27 1.28 -10.64
CA THR A 216 26.63 1.44 -10.16
C THR A 216 27.04 0.41 -9.11
N GLU A 217 26.20 0.18 -8.12
CA GLU A 217 26.54 -0.74 -7.03
C GLU A 217 26.22 -2.21 -7.27
N GLN A 218 25.28 -2.51 -8.15
CA GLN A 218 24.91 -3.90 -8.36
C GLN A 218 25.07 -4.44 -9.78
N VAL A 219 24.69 -3.66 -10.79
CA VAL A 219 24.79 -4.14 -12.16
C VAL A 219 26.23 -4.15 -12.65
N LYS A 220 26.94 -3.03 -12.49
CA LYS A 220 28.33 -2.94 -12.93
C LYS A 220 29.23 -3.99 -12.27
N PRO A 221 29.13 -4.15 -10.92
CA PRO A 221 29.97 -5.15 -10.27
C PRO A 221 29.58 -6.59 -10.66
N GLY A 222 28.39 -6.75 -11.25
CA GLY A 222 27.94 -8.07 -11.66
C GLY A 222 27.08 -8.80 -10.64
N ASN A 223 26.61 -8.08 -9.63
CA ASN A 223 25.77 -8.64 -8.57
C ASN A 223 24.37 -8.99 -9.08
N ILE A 224 23.90 -8.25 -10.07
CA ILE A 224 22.60 -8.48 -10.69
C ILE A 224 22.76 -8.03 -12.14
N ASP A 225 21.85 -8.43 -13.02
CA ASP A 225 21.95 -7.99 -14.41
C ASP A 225 20.97 -6.84 -14.63
N LYS A 226 21.04 -6.21 -15.80
CA LYS A 226 20.18 -5.08 -16.14
C LYS A 226 18.68 -5.35 -15.95
N SER A 227 18.21 -6.50 -16.42
CA SER A 227 16.79 -6.83 -16.29
C SER A 227 16.39 -6.89 -14.81
N ASP A 228 17.32 -7.34 -13.97
CA ASP A 228 17.06 -7.43 -12.53
C ASP A 228 16.82 -6.01 -12.01
N ALA A 229 17.73 -5.10 -12.36
CA ALA A 229 17.62 -3.71 -11.94
C ALA A 229 16.27 -3.16 -12.37
N VAL A 230 15.85 -3.48 -13.59
CA VAL A 230 14.56 -3.02 -14.10
C VAL A 230 13.40 -3.55 -13.24
N GLN A 231 13.42 -4.84 -12.94
CA GLN A 231 12.35 -5.44 -12.14
C GLN A 231 12.27 -4.91 -10.71
N ILE A 232 13.43 -4.59 -10.12
CA ILE A 232 13.48 -4.07 -8.76
C ILE A 232 12.88 -2.66 -8.79
N ALA A 233 13.26 -1.88 -9.78
CA ALA A 233 12.75 -0.53 -9.92
C ALA A 233 11.23 -0.56 -10.15
N PHE A 234 10.78 -1.52 -10.95
CA PHE A 234 9.35 -1.67 -11.25
C PHE A 234 8.57 -2.05 -9.97
N LEU A 235 9.17 -2.93 -9.17
CA LEU A 235 8.54 -3.36 -7.92
C LEU A 235 8.29 -2.16 -7.01
N LEU A 236 9.30 -1.31 -6.86
CA LEU A 236 9.21 -0.13 -6.00
C LEU A 236 8.14 0.83 -6.49
N LEU A 237 7.97 0.91 -7.80
CA LEU A 237 6.97 1.79 -8.39
C LEU A 237 5.56 1.27 -8.16
N VAL A 238 5.29 0.04 -8.60
CA VAL A 238 3.95 -0.52 -8.50
C VAL A 238 3.50 -1.10 -7.17
N ALA A 239 4.44 -1.42 -6.29
CA ALA A 239 4.09 -2.02 -5.01
C ALA A 239 3.05 -1.25 -4.20
N GLY A 240 3.39 -0.02 -3.79
CA GLY A 240 2.45 0.71 -2.98
C GLY A 240 1.81 1.97 -3.51
N ASN A 241 2.06 2.33 -4.77
CA ASN A 241 1.49 3.56 -5.29
C ASN A 241 -0.04 3.68 -5.19
N ALA A 242 -0.75 2.71 -5.76
CA ALA A 242 -2.22 2.71 -5.75
C ALA A 242 -2.76 2.73 -4.31
N THR A 243 -2.02 2.12 -3.40
CA THR A 243 -2.41 2.09 -1.99
C THR A 243 -2.28 3.51 -1.41
N MET A 244 -1.17 4.19 -1.73
CA MET A 244 -0.94 5.56 -1.25
C MET A 244 -2.09 6.48 -1.72
N VAL A 245 -2.44 6.37 -3.00
CA VAL A 245 -3.51 7.17 -3.58
C VAL A 245 -4.80 6.95 -2.80
N ASN A 246 -5.12 5.68 -2.54
CA ASN A 246 -6.33 5.33 -1.82
C ASN A 246 -6.31 5.84 -0.37
N MET A 247 -5.15 5.77 0.28
CA MET A 247 -5.05 6.23 1.66
C MET A 247 -5.30 7.73 1.77
N ILE A 248 -4.77 8.49 0.81
CA ILE A 248 -4.97 9.94 0.82
C ILE A 248 -6.47 10.25 0.65
N ALA A 249 -7.10 9.60 -0.32
CA ALA A 249 -8.53 9.80 -0.57
C ALA A 249 -9.36 9.37 0.64
N LEU A 250 -9.03 8.21 1.19
CA LEU A 250 -9.74 7.68 2.37
C LEU A 250 -9.58 8.67 3.54
N GLY A 251 -8.40 9.28 3.66
CA GLY A 251 -8.15 10.24 4.72
C GLY A 251 -9.10 11.43 4.64
N VAL A 252 -9.25 11.98 3.44
CA VAL A 252 -10.15 13.14 3.23
C VAL A 252 -11.60 12.76 3.50
N ALA A 253 -12.02 11.60 3.02
CA ALA A 253 -13.39 11.17 3.24
C ALA A 253 -13.66 10.98 4.73
N THR A 254 -12.72 10.37 5.44
CA THR A 254 -12.88 10.17 6.88
C THR A 254 -13.03 11.49 7.65
N LEU A 255 -12.24 12.50 7.28
CA LEU A 255 -12.31 13.78 7.96
C LEU A 255 -13.64 14.45 7.70
N ALA A 256 -14.21 14.18 6.52
CA ALA A 256 -15.51 14.74 6.18
C ALA A 256 -16.55 14.01 7.01
N GLN A 257 -16.34 12.71 7.17
CA GLN A 257 -17.25 11.86 7.94
C GLN A 257 -17.29 12.21 9.43
N HIS A 258 -16.17 12.68 9.95
CA HIS A 258 -16.09 13.03 11.35
C HIS A 258 -15.66 14.48 11.52
N PRO A 259 -16.64 15.41 11.43
CA PRO A 259 -16.43 16.85 11.54
C PRO A 259 -15.61 17.28 12.76
N ASP A 260 -15.81 16.60 13.87
CA ASP A 260 -15.11 16.91 15.12
C ASP A 260 -13.62 16.74 14.98
N GLN A 261 -13.22 15.65 14.35
CA GLN A 261 -11.80 15.37 14.15
C GLN A 261 -11.20 16.37 13.18
N LEU A 262 -11.92 16.68 12.11
CA LEU A 262 -11.44 17.64 11.12
C LEU A 262 -11.22 18.98 11.82
N ALA A 263 -12.18 19.36 12.69
CA ALA A 263 -12.06 20.61 13.41
C ALA A 263 -10.76 20.61 14.22
N GLN A 264 -10.49 19.51 14.93
CA GLN A 264 -9.29 19.41 15.73
C GLN A 264 -8.00 19.47 14.91
N LEU A 265 -8.01 18.81 13.76
CA LEU A 265 -6.84 18.80 12.89
C LEU A 265 -6.58 20.21 12.35
N LYS A 266 -7.64 20.86 11.88
CA LYS A 266 -7.52 22.22 11.37
C LYS A 266 -6.94 23.13 12.45
N ALA A 267 -7.46 22.99 13.67
CA ALA A 267 -7.00 23.81 14.78
C ALA A 267 -5.58 23.48 15.21
N ASN A 268 -5.15 22.25 14.95
CA ASN A 268 -3.80 21.83 15.32
C ASN A 268 -3.22 20.83 14.32
N PRO A 269 -2.65 21.33 13.20
CA PRO A 269 -2.06 20.44 12.18
C PRO A 269 -0.97 19.54 12.77
N SER A 270 -0.53 19.87 13.98
CA SER A 270 0.50 19.11 14.68
C SER A 270 -0.02 17.72 15.02
N LEU A 271 -1.33 17.53 14.88
CA LEU A 271 -1.94 16.25 15.17
C LEU A 271 -1.91 15.35 13.94
N ALA A 272 -1.35 15.85 12.85
CA ALA A 272 -1.28 15.08 11.60
C ALA A 272 -0.70 13.68 11.82
N PRO A 273 0.44 13.56 12.52
CA PRO A 273 1.04 12.24 12.74
C PRO A 273 0.09 11.23 13.39
N GLN A 274 -0.62 11.66 14.42
CA GLN A 274 -1.55 10.75 15.07
C GLN A 274 -2.76 10.47 14.20
N PHE A 275 -3.17 11.44 13.39
CA PHE A 275 -4.29 11.22 12.48
C PHE A 275 -3.87 10.13 11.47
N VAL A 276 -2.64 10.22 10.99
CA VAL A 276 -2.12 9.25 10.03
C VAL A 276 -2.00 7.86 10.66
N GLU A 277 -1.59 7.81 11.93
CA GLU A 277 -1.48 6.53 12.63
C GLU A 277 -2.85 5.85 12.70
N GLU A 278 -3.87 6.60 13.08
CA GLU A 278 -5.21 6.04 13.18
C GLU A 278 -5.76 5.67 11.80
N LEU A 279 -5.43 6.46 10.79
CA LEU A 279 -5.91 6.20 9.44
C LEU A 279 -5.34 4.89 8.89
N CYS A 280 -4.06 4.66 9.12
CA CYS A 280 -3.40 3.45 8.63
C CYS A 280 -3.86 2.21 9.38
N ARG A 281 -4.43 2.41 10.57
CA ARG A 281 -4.94 1.28 11.35
C ARG A 281 -6.39 1.03 10.95
N TYR A 282 -7.17 2.10 10.93
CA TYR A 282 -8.59 2.02 10.62
C TYR A 282 -8.88 1.61 9.17
N HIS A 283 -8.14 2.20 8.23
CA HIS A 283 -8.32 1.85 6.83
C HIS A 283 -7.08 1.08 6.39
N THR A 284 -7.15 -0.25 6.45
CA THR A 284 -6.04 -1.10 6.06
C THR A 284 -6.20 -1.39 4.57
N ALA A 285 -5.76 -0.43 3.74
CA ALA A 285 -5.87 -0.49 2.29
C ALA A 285 -5.06 -1.59 1.60
N SER A 286 -4.15 -2.23 2.33
CA SER A 286 -3.36 -3.34 1.79
C SER A 286 -3.58 -4.46 2.81
N ALA A 287 -4.59 -5.29 2.58
CA ALA A 287 -4.93 -6.34 3.53
C ALA A 287 -4.72 -7.78 3.07
N LEU A 288 -4.24 -7.97 1.86
CA LEU A 288 -4.04 -9.33 1.35
C LEU A 288 -2.60 -9.65 0.99
N ALA A 289 -1.65 -8.90 1.56
CA ALA A 289 -0.25 -9.10 1.25
C ALA A 289 0.53 -9.99 2.22
N ILE A 290 -0.09 -10.43 3.32
CA ILE A 290 0.64 -11.29 4.26
C ILE A 290 0.22 -12.74 4.07
N LYS A 291 0.89 -13.40 3.13
CA LYS A 291 0.58 -14.77 2.80
C LYS A 291 1.81 -15.63 2.86
N ARG A 292 1.60 -16.89 3.22
CA ARG A 292 2.68 -17.86 3.32
C ARG A 292 2.20 -19.26 3.04
N THR A 293 3.17 -20.17 3.02
CA THR A 293 2.92 -21.59 2.88
C THR A 293 3.75 -22.16 4.04
N ALA A 294 3.26 -23.20 4.70
CA ALA A 294 4.01 -23.79 5.80
C ALA A 294 5.13 -24.67 5.25
N LYS A 295 6.36 -24.41 5.68
CA LYS A 295 7.50 -25.21 5.25
C LYS A 295 7.47 -26.56 5.98
N GLU A 296 6.89 -26.55 7.17
CA GLU A 296 6.76 -27.74 7.99
C GLU A 296 5.54 -27.51 8.89
N ASP A 297 5.06 -28.57 9.56
CA ASP A 297 3.90 -28.42 10.44
C ASP A 297 4.11 -27.29 11.44
N VAL A 298 3.06 -26.53 11.70
CA VAL A 298 3.14 -25.43 12.67
C VAL A 298 1.78 -25.25 13.34
N MET A 299 1.81 -25.06 14.66
CA MET A 299 0.59 -24.87 15.41
C MET A 299 0.29 -23.37 15.63
N ILE A 300 -0.95 -22.98 15.36
CA ILE A 300 -1.39 -21.60 15.52
C ILE A 300 -2.74 -21.68 16.24
N GLY A 301 -2.76 -21.23 17.48
CA GLY A 301 -3.98 -21.30 18.25
C GLY A 301 -4.31 -22.76 18.48
N ASP A 302 -5.55 -23.14 18.25
CA ASP A 302 -5.97 -24.52 18.42
C ASP A 302 -5.92 -25.29 17.11
N LYS A 303 -5.23 -24.74 16.11
CA LYS A 303 -5.14 -25.41 14.83
C LYS A 303 -3.74 -25.86 14.47
N LEU A 304 -3.66 -26.95 13.71
CA LEU A 304 -2.38 -27.45 13.25
C LEU A 304 -2.35 -27.14 11.75
N VAL A 305 -1.37 -26.36 11.32
CA VAL A 305 -1.22 -26.05 9.91
C VAL A 305 -0.13 -27.00 9.40
N ARG A 306 -0.50 -27.93 8.52
CA ARG A 306 0.46 -28.90 8.02
C ARG A 306 1.35 -28.38 6.91
N ALA A 307 2.52 -29.01 6.77
CA ALA A 307 3.48 -28.63 5.75
C ALA A 307 2.77 -28.53 4.41
N ASN A 308 3.13 -27.50 3.65
CA ASN A 308 2.57 -27.26 2.32
C ASN A 308 1.16 -26.71 2.29
N GLU A 309 0.66 -26.25 3.44
CA GLU A 309 -0.66 -25.66 3.50
C GLU A 309 -0.49 -24.14 3.49
N GLY A 310 -1.45 -23.45 2.91
CA GLY A 310 -1.36 -22.01 2.80
C GLY A 310 -1.97 -21.22 3.95
N ILE A 311 -1.42 -20.03 4.20
CA ILE A 311 -1.90 -19.17 5.27
C ILE A 311 -2.05 -17.74 4.80
N ILE A 312 -3.17 -17.12 5.16
CA ILE A 312 -3.41 -15.72 4.85
C ILE A 312 -3.66 -15.05 6.21
N ALA A 313 -2.79 -14.09 6.54
CA ALA A 313 -2.87 -13.38 7.82
C ALA A 313 -3.44 -11.97 7.59
N SER A 314 -4.68 -11.75 8.02
CA SER A 314 -5.32 -10.46 7.81
C SER A 314 -4.89 -9.34 8.75
N ASN A 315 -4.04 -8.44 8.25
CA ASN A 315 -3.61 -7.32 9.06
C ASN A 315 -4.81 -6.35 9.22
N GLN A 316 -5.78 -6.42 8.31
CA GLN A 316 -6.95 -5.57 8.42
C GLN A 316 -7.76 -6.01 9.65
N SER A 317 -7.92 -7.33 9.82
CA SER A 317 -8.64 -7.86 10.97
C SER A 317 -7.85 -7.56 12.26
N ALA A 318 -6.54 -7.78 12.20
CA ALA A 318 -5.67 -7.52 13.34
C ALA A 318 -5.79 -6.07 13.81
N ASN A 319 -5.97 -5.16 12.86
CA ASN A 319 -6.08 -3.74 13.19
C ASN A 319 -7.43 -3.39 13.84
N ARG A 320 -8.36 -4.35 13.87
CA ARG A 320 -9.66 -4.14 14.52
C ARG A 320 -9.80 -5.13 15.69
N ASP A 321 -8.70 -5.74 16.08
CA ASP A 321 -8.70 -6.71 17.19
C ASP A 321 -9.00 -5.98 18.51
N GLU A 322 -10.22 -6.17 19.02
CA GLU A 322 -10.64 -5.50 20.25
C GLU A 322 -9.80 -5.85 21.48
N GLU A 323 -9.01 -6.91 21.39
CA GLU A 323 -8.16 -7.32 22.50
C GLU A 323 -6.90 -6.47 22.55
N VAL A 324 -6.62 -5.75 21.46
CA VAL A 324 -5.45 -4.88 21.37
C VAL A 324 -5.87 -3.40 21.28
N PHE A 325 -6.82 -3.10 20.41
CA PHE A 325 -7.31 -1.74 20.22
C PHE A 325 -8.73 -1.57 20.78
N GLU A 326 -8.85 -0.80 21.86
CA GLU A 326 -10.16 -0.57 22.46
C GLU A 326 -11.06 0.18 21.47
N ASN A 327 -12.34 -0.16 21.44
CA ASN A 327 -13.29 0.47 20.51
C ASN A 327 -12.60 0.51 19.14
N PRO A 328 -12.19 -0.66 18.63
CA PRO A 328 -11.49 -0.75 17.35
C PRO A 328 -12.22 -0.19 16.13
N ASP A 329 -13.55 -0.19 16.15
CA ASP A 329 -14.32 0.29 15.01
C ASP A 329 -14.61 1.77 15.04
N GLU A 330 -14.06 2.45 16.05
CA GLU A 330 -14.23 3.89 16.21
C GLU A 330 -12.99 4.59 15.65
N PHE A 331 -13.17 5.59 14.79
CA PHE A 331 -12.01 6.31 14.29
C PHE A 331 -11.72 7.40 15.31
N ASN A 332 -10.56 7.33 15.94
CA ASN A 332 -10.20 8.32 16.95
C ASN A 332 -8.75 8.74 16.84
N MET A 333 -8.51 9.90 16.26
CA MET A 333 -7.14 10.38 16.12
C MET A 333 -6.47 10.62 17.46
N ASN A 334 -7.26 10.71 18.53
CA ASN A 334 -6.71 10.92 19.86
C ASN A 334 -6.63 9.58 20.62
N ARG A 335 -6.83 8.49 19.91
CA ARG A 335 -6.77 7.16 20.50
C ARG A 335 -5.50 6.93 21.34
N LYS A 336 -5.64 6.22 22.45
CA LYS A 336 -4.50 5.91 23.31
C LYS A 336 -3.94 4.63 22.74
N TRP A 337 -2.74 4.70 22.17
CA TRP A 337 -2.12 3.54 21.53
C TRP A 337 -1.53 2.49 22.46
N PRO A 338 -1.79 1.20 22.16
CA PRO A 338 -1.27 0.10 22.97
C PRO A 338 0.18 -0.16 22.62
N PRO A 339 0.84 -1.08 23.35
CA PRO A 339 2.24 -1.35 23.02
C PRO A 339 2.36 -2.09 21.68
N GLN A 340 1.29 -2.77 21.29
CA GLN A 340 1.28 -3.53 20.03
C GLN A 340 1.17 -2.61 18.82
N ASP A 341 2.02 -2.89 17.84
CA ASP A 341 2.10 -2.13 16.59
C ASP A 341 0.89 -2.29 15.69
N PRO A 342 0.30 -1.19 15.19
CA PRO A 342 -0.83 -1.42 14.30
C PRO A 342 -0.12 -2.06 13.08
N LEU A 343 -0.85 -2.82 12.27
CA LEU A 343 -0.23 -3.54 11.15
C LEU A 343 -0.57 -3.13 9.74
N GLY A 344 -0.84 -1.83 9.53
CA GLY A 344 -1.17 -1.38 8.20
C GLY A 344 -0.04 -1.59 7.19
N PHE A 345 1.19 -1.63 7.69
CA PHE A 345 2.36 -1.82 6.82
C PHE A 345 3.00 -3.19 7.00
N GLY A 346 2.25 -4.12 7.59
CA GLY A 346 2.80 -5.44 7.78
C GLY A 346 3.64 -5.57 9.04
N PHE A 347 4.44 -6.63 9.07
CA PHE A 347 5.25 -6.91 10.26
C PHE A 347 6.39 -7.84 9.88
N GLY A 348 7.44 -7.85 10.69
CA GLY A 348 8.56 -8.74 10.42
C GLY A 348 9.50 -8.22 9.36
N ASP A 349 10.40 -9.08 8.87
CA ASP A 349 11.39 -8.69 7.85
C ASP A 349 10.79 -8.07 6.59
N HIS A 350 9.64 -8.56 6.16
CA HIS A 350 8.99 -8.06 4.97
C HIS A 350 8.19 -6.78 5.17
N ARG A 351 8.14 -6.27 6.40
CA ARG A 351 7.41 -5.04 6.70
C ARG A 351 7.69 -4.00 5.62
N CYS A 352 6.64 -3.35 5.13
CA CYS A 352 6.78 -2.37 4.06
C CYS A 352 8.09 -1.60 4.06
N ILE A 353 8.83 -1.72 2.96
CA ILE A 353 10.11 -1.03 2.84
C ILE A 353 9.95 0.48 2.87
N ALA A 354 8.78 0.96 2.44
CA ALA A 354 8.52 2.40 2.39
C ALA A 354 7.57 2.92 3.45
N GLU A 355 7.48 2.20 4.57
CA GLU A 355 6.60 2.61 5.66
C GLU A 355 6.84 4.06 6.12
N HIS A 356 8.10 4.41 6.33
CA HIS A 356 8.45 5.76 6.80
C HIS A 356 8.17 6.79 5.71
N LEU A 357 8.45 6.45 4.46
CA LEU A 357 8.19 7.37 3.36
C LEU A 357 6.67 7.57 3.23
N ALA A 358 5.93 6.47 3.28
CA ALA A 358 4.48 6.52 3.18
C ALA A 358 3.89 7.40 4.28
N LYS A 359 4.30 7.17 5.52
CA LYS A 359 3.79 7.97 6.62
C LYS A 359 4.18 9.44 6.46
N ALA A 360 5.39 9.69 5.97
CA ALA A 360 5.83 11.08 5.78
C ALA A 360 4.96 11.77 4.72
N GLU A 361 4.61 11.04 3.66
CA GLU A 361 3.78 11.60 2.61
C GLU A 361 2.38 11.94 3.16
N LEU A 362 1.79 10.99 3.88
CA LEU A 362 0.46 11.20 4.44
C LEU A 362 0.47 12.34 5.46
N THR A 363 1.47 12.34 6.34
CA THR A 363 1.56 13.37 7.35
C THR A 363 1.68 14.75 6.71
N THR A 364 2.47 14.84 5.65
CA THR A 364 2.66 16.10 4.94
C THR A 364 1.34 16.53 4.31
N VAL A 365 0.61 15.57 3.78
CA VAL A 365 -0.68 15.85 3.15
C VAL A 365 -1.69 16.41 4.16
N PHE A 366 -1.85 15.71 5.28
CA PHE A 366 -2.84 16.12 6.25
C PHE A 366 -2.47 17.23 7.21
N SER A 367 -1.24 17.71 7.09
CA SER A 367 -0.80 18.83 7.90
C SER A 367 -0.76 20.07 7.01
N THR A 368 -1.09 19.88 5.72
CA THR A 368 -1.06 20.98 4.75
C THR A 368 -2.37 21.23 4.01
N LEU A 369 -3.04 20.16 3.60
CA LEU A 369 -4.29 20.24 2.84
C LEU A 369 -5.32 21.25 3.36
N TYR A 370 -5.65 21.18 4.64
CA TYR A 370 -6.65 22.08 5.20
C TYR A 370 -6.09 23.44 5.59
N GLN A 371 -4.79 23.61 5.41
CA GLN A 371 -4.14 24.87 5.68
C GLN A 371 -4.34 25.65 4.39
N LYS A 372 -4.15 24.94 3.28
CA LYS A 372 -4.31 25.51 1.95
C LYS A 372 -5.78 25.73 1.63
N PHE A 373 -6.59 24.71 1.93
CA PHE A 373 -8.04 24.78 1.69
C PHE A 373 -8.81 24.55 2.98
N PRO A 374 -8.95 25.60 3.81
CA PRO A 374 -9.66 25.49 5.08
C PRO A 374 -11.11 25.06 4.93
N ASP A 375 -11.71 25.41 3.80
CA ASP A 375 -13.11 25.06 3.55
C ASP A 375 -13.29 23.91 2.59
N LEU A 376 -12.27 23.08 2.44
CA LEU A 376 -12.34 21.92 1.55
C LEU A 376 -13.52 21.06 1.96
N LYS A 377 -14.37 20.72 1.01
CA LYS A 377 -15.53 19.92 1.33
C LYS A 377 -15.79 18.92 0.21
N VAL A 378 -16.24 17.72 0.57
CA VAL A 378 -16.56 16.73 -0.44
C VAL A 378 -17.85 17.26 -1.08
N ALA A 379 -17.81 17.46 -2.40
CA ALA A 379 -18.94 18.00 -3.13
C ALA A 379 -19.92 16.95 -3.62
N VAL A 380 -20.27 16.03 -2.74
CA VAL A 380 -21.21 14.96 -3.05
C VAL A 380 -21.57 14.34 -1.71
N PRO A 381 -22.81 13.84 -1.57
CA PRO A 381 -23.19 13.23 -0.29
C PRO A 381 -22.23 12.11 0.06
N LEU A 382 -21.69 12.16 1.27
CA LEU A 382 -20.71 11.16 1.72
C LEU A 382 -21.17 9.73 1.43
N GLY A 383 -22.49 9.51 1.48
CA GLY A 383 -23.02 8.20 1.21
C GLY A 383 -22.96 7.82 -0.26
N LYS A 384 -22.59 8.79 -1.11
CA LYS A 384 -22.53 8.55 -2.55
C LYS A 384 -21.10 8.39 -3.04
N ILE A 385 -20.13 8.55 -2.14
CA ILE A 385 -18.73 8.41 -2.51
C ILE A 385 -18.51 7.14 -3.32
N ASN A 386 -17.68 7.26 -4.36
CA ASN A 386 -17.38 6.16 -5.26
C ASN A 386 -16.19 5.33 -4.75
N TYR A 387 -16.49 4.30 -3.98
CA TYR A 387 -15.47 3.41 -3.43
C TYR A 387 -15.06 2.34 -4.44
N THR A 388 -13.94 1.67 -4.15
CA THR A 388 -13.44 0.58 -4.99
C THR A 388 -14.45 -0.56 -4.82
N PRO A 389 -14.46 -1.52 -5.76
CA PRO A 389 -15.40 -2.64 -5.63
C PRO A 389 -15.26 -3.32 -4.28
N LEU A 390 -16.38 -3.71 -3.68
CA LEU A 390 -16.39 -4.35 -2.37
C LEU A 390 -15.57 -5.63 -2.27
N ASN A 391 -15.27 -6.25 -3.41
CA ASN A 391 -14.49 -7.49 -3.41
C ASN A 391 -12.99 -7.21 -3.49
N ARG A 392 -12.64 -5.92 -3.46
CA ARG A 392 -11.25 -5.45 -3.53
C ARG A 392 -10.87 -4.76 -2.23
N ASP A 393 -9.59 -4.38 -2.12
CA ASP A 393 -9.07 -3.66 -0.97
C ASP A 393 -9.81 -2.33 -0.90
N VAL A 394 -9.96 -1.78 0.30
CA VAL A 394 -10.67 -0.51 0.47
C VAL A 394 -9.91 0.62 -0.22
N GLY A 395 -10.67 1.57 -0.78
CA GLY A 395 -10.09 2.69 -1.48
C GLY A 395 -11.19 3.53 -2.12
N ILE A 396 -10.81 4.61 -2.78
CA ILE A 396 -11.78 5.50 -3.44
C ILE A 396 -11.34 5.76 -4.88
N VAL A 397 -12.26 5.59 -5.83
CA VAL A 397 -11.95 5.78 -7.25
C VAL A 397 -11.83 7.25 -7.63
N ASP A 398 -12.79 8.05 -7.21
CA ASP A 398 -12.77 9.48 -7.49
C ASP A 398 -13.46 10.19 -6.33
N LEU A 399 -13.07 11.45 -6.09
CA LEU A 399 -13.64 12.20 -4.98
C LEU A 399 -13.83 13.67 -5.34
N PRO A 400 -15.06 14.06 -5.72
CA PRO A 400 -15.30 15.46 -6.06
C PRO A 400 -15.24 16.34 -4.82
N VAL A 401 -14.47 17.42 -4.90
CA VAL A 401 -14.35 18.34 -3.77
C VAL A 401 -14.49 19.78 -4.23
N ILE A 402 -14.76 20.65 -3.29
CA ILE A 402 -14.86 22.08 -3.53
C ILE A 402 -14.08 22.71 -2.37
N PHE A 403 -13.54 23.90 -2.61
CA PHE A 403 -12.74 24.56 -1.57
C PHE A 403 -12.78 26.07 -1.75
CHA HEM B . 5.08 -4.34 1.44
CHB HEM B . 1.41 -1.52 3.04
CHC HEM B . 3.30 2.22 0.52
CHD HEM B . 6.70 -0.72 -1.37
C1A HEM B . 3.96 -3.86 2.12
C2A HEM B . 3.08 -4.70 2.96
C3A HEM B . 2.03 -3.95 3.39
C4A HEM B . 2.26 -2.61 2.81
CMA HEM B . 0.87 -4.44 4.22
CAA HEM B . 3.32 -6.14 3.34
CBA HEM B . 4.43 -6.19 4.37
CGA HEM B . 4.62 -7.59 4.94
O1A HEM B . 4.47 -7.77 6.17
O2A HEM B . 4.91 -8.50 4.14
C1B HEM B . 1.61 -0.27 2.48
C2B HEM B . 0.71 0.86 2.69
C3B HEM B . 1.24 1.92 1.97
C4B HEM B . 2.46 1.42 1.32
CMB HEM B . -0.57 0.90 3.54
CAB HEM B . 0.69 3.20 1.81
CBB HEM B . 0.07 3.98 2.81
C1C HEM B . 4.44 1.77 -0.15
C2C HEM B . 5.24 2.58 -1.08
C3C HEM B . 6.14 1.72 -1.68
C4C HEM B . 5.92 0.41 -1.07
CMC HEM B . 5.11 4.10 -1.25
CAC HEM B . 7.06 1.98 -2.72
CBC HEM B . 8.08 2.92 -2.67
C1D HEM B . 6.53 -1.97 -0.80
C2D HEM B . 7.38 -3.11 -1.07
C3D HEM B . 6.95 -4.13 -0.26
C4D HEM B . 5.81 -3.60 0.50
CMD HEM B . 8.56 -3.18 -2.05
CAD HEM B . 7.59 -5.49 -0.09
CBD HEM B . 8.61 -5.48 1.04
CGD HEM B . 9.21 -6.84 1.30
O1D HEM B . 10.37 -6.90 1.74
O2D HEM B . 8.52 -7.85 1.07
NA HEM B . 3.42 -2.59 2.01
NB HEM B . 2.67 0.08 1.61
NC HEM B . 4.88 0.45 -0.15
ND HEM B . 5.56 -2.28 0.16
FE HEM B . 4.15 -1.10 0.90
C NBN C . 2.85 -1.65 -0.28
N NBN C . 2.10 -2.08 -0.95
C1 NBN C . 1.07 -3.25 -1.09
C2 NBN C . 1.73 -4.60 -0.89
C3 NBN C . 2.70 -4.91 -1.96
C4 NBN C . 3.55 -6.09 -1.57
#